data_5BQH
#
_entry.id   5BQH
#
_cell.length_a   76.464
_cell.length_b   76.464
_cell.length_c   123.770
_cell.angle_alpha   90.00
_cell.angle_beta   90.00
_cell.angle_gamma   120.00
#
_symmetry.space_group_name_H-M   'H 3'
#
loop_
_entity.id
_entity.type
_entity.pdbx_description
1 polymer 'Prostaglandin E synthase'
2 non-polymer N-[4-(4-chlorophenyl)-1H-imidazol-2-yl]-2-(difluoromethyl)-5-{[(2-methylpropanoyl)amino]methyl}benzamide
3 non-polymer GLUTATHIONE
4 non-polymer 'octyl beta-D-glucopyranoside'
5 non-polymer 'TETRAETHYLENE GLYCOL'
6 non-polymer (2-hydroxyethoxy)acetaldehyde
7 water water
#
_entity_poly.entity_id   1
_entity_poly.type   'polypeptide(L)'
_entity_poly.pdbx_seq_one_letter_code
;MALPAHSLVMSSPALPAFLLCSTLLVIKMYVVAIITGQVRLRKKAFANPEDALRHGGPQYCRSDPDVERCLRAHRNDMET
IYPFLFLGFVYSFLGPNPFVAWMHFLVFLVGRVAHTVAYLGKLRAPIRSVTYTLAQLPCASMALQILWEAARHL
;
_entity_poly.pdbx_strand_id   A
#
# COMPACT_ATOMS: atom_id res chain seq x y z
N SER A 7 27.29 -5.12 1.79
CA SER A 7 26.06 -4.30 1.88
C SER A 7 25.15 -4.77 3.02
N LEU A 8 24.49 -3.82 3.68
CA LEU A 8 23.63 -4.12 4.84
C LEU A 8 22.26 -4.68 4.46
N VAL A 9 22.00 -4.82 3.16
CA VAL A 9 20.80 -5.51 2.66
C VAL A 9 20.93 -7.02 2.92
N MET A 10 22.16 -7.46 3.23
CA MET A 10 22.47 -8.86 3.50
C MET A 10 22.30 -9.24 4.97
N SER A 11 21.77 -8.31 5.77
CA SER A 11 21.56 -8.51 7.21
C SER A 11 20.68 -9.73 7.54
N SER A 12 19.74 -10.03 6.66
N SER A 12 19.74 -10.04 6.65
CA SER A 12 18.88 -11.21 6.81
CA SER A 12 18.85 -11.19 6.80
C SER A 12 18.44 -11.70 5.42
C SER A 12 18.45 -11.70 5.41
N PRO A 13 18.28 -13.04 5.25
CA PRO A 13 17.93 -13.62 3.93
C PRO A 13 16.64 -13.11 3.27
N ALA A 14 15.66 -12.69 4.07
CA ALA A 14 14.38 -12.22 3.55
C ALA A 14 14.38 -10.73 3.22
N LEU A 15 15.36 -10.01 3.74
CA LEU A 15 15.39 -8.55 3.63
C LEU A 15 15.35 -7.99 2.18
N PRO A 16 16.18 -8.53 1.26
CA PRO A 16 16.12 -8.00 -0.11
C PRO A 16 14.74 -8.10 -0.76
N ALA A 17 14.06 -9.23 -0.54
CA ALA A 17 12.71 -9.43 -1.06
C ALA A 17 11.74 -8.41 -0.44
N PHE A 18 11.86 -8.19 0.86
CA PHE A 18 11.03 -7.20 1.53
C PHE A 18 11.25 -5.81 0.95
N LEU A 19 12.52 -5.42 0.80
CA LEU A 19 12.84 -4.08 0.31
C LEU A 19 12.39 -3.87 -1.12
N LEU A 20 12.43 -4.93 -1.93
CA LEU A 20 11.96 -4.83 -3.31
C LEU A 20 10.45 -4.58 -3.35
N CYS A 21 9.68 -5.39 -2.62
CA CYS A 21 8.22 -5.29 -2.62
C CYS A 21 7.75 -3.98 -2.01
N SER A 22 8.37 -3.59 -0.88
CA SER A 22 7.99 -2.36 -0.19
C SER A 22 8.24 -1.13 -1.05
N THR A 23 9.42 -1.08 -1.69
CA THR A 23 9.77 0.08 -2.49
C THR A 23 8.89 0.17 -3.74
N LEU A 24 8.57 -0.97 -4.33
CA LEU A 24 7.61 -0.99 -5.44
C LEU A 24 6.24 -0.45 -5.02
N LEU A 25 5.81 -0.81 -3.82
CA LEU A 25 4.52 -0.32 -3.31
C LEU A 25 4.54 1.17 -3.00
N VAL A 26 5.68 1.67 -2.50
CA VAL A 26 5.82 3.12 -2.29
C VAL A 26 5.74 3.84 -3.64
N ILE A 27 6.44 3.33 -4.63
CA ILE A 27 6.37 3.89 -5.99
C ILE A 27 4.94 3.84 -6.53
N LYS A 28 4.23 2.73 -6.27
CA LYS A 28 2.82 2.60 -6.65
C LYS A 28 1.94 3.68 -6.01
N MET A 29 2.23 4.05 -4.77
CA MET A 29 1.51 5.14 -4.11
C MET A 29 1.83 6.48 -4.77
N TYR A 30 3.09 6.69 -5.14
CA TYR A 30 3.48 7.89 -5.87
C TYR A 30 2.73 7.99 -7.20
N VAL A 31 2.55 6.86 -7.87
CA VAL A 31 1.77 6.80 -9.11
C VAL A 31 0.32 7.21 -8.87
N VAL A 32 -0.27 6.75 -7.77
CA VAL A 32 -1.63 7.17 -7.41
C VAL A 32 -1.72 8.67 -7.19
N ALA A 33 -0.71 9.25 -6.52
CA ALA A 33 -0.66 10.70 -6.34
C ALA A 33 -0.59 11.44 -7.68
N ILE A 34 0.23 10.94 -8.60
CA ILE A 34 0.36 11.55 -9.93
C ILE A 34 -0.95 11.47 -10.71
N ILE A 35 -1.59 10.29 -10.68
CA ILE A 35 -2.90 10.11 -11.29
C ILE A 35 -3.92 11.10 -10.72
N THR A 36 -3.95 11.24 -9.40
CA THR A 36 -4.88 12.16 -8.74
C THR A 36 -4.71 13.59 -9.29
N GLY A 37 -3.47 14.03 -9.39
CA GLY A 37 -3.16 15.37 -9.92
C GLY A 37 -3.65 15.54 -11.35
N GLN A 38 -3.42 14.51 -12.17
CA GLN A 38 -3.86 14.52 -13.57
C GLN A 38 -5.38 14.60 -13.67
N VAL A 39 -6.08 13.86 -12.82
CA VAL A 39 -7.55 13.91 -12.79
C VAL A 39 -8.03 15.30 -12.39
N ARG A 40 -7.39 15.90 -11.39
CA ARG A 40 -7.74 17.27 -10.95
C ARG A 40 -7.60 18.27 -12.09
N LEU A 41 -6.49 18.18 -12.82
CA LEU A 41 -6.18 19.12 -13.90
C LEU A 41 -7.11 18.92 -15.10
N ARG A 42 -7.33 17.67 -15.47
CA ARG A 42 -8.12 17.36 -16.66
C ARG A 42 -9.62 17.55 -16.45
N LYS A 43 -10.09 17.29 -15.23
CA LYS A 43 -11.50 17.48 -14.89
C LYS A 43 -11.76 18.83 -14.24
N LYS A 44 -10.71 19.61 -14.06
CA LYS A 44 -10.77 20.95 -13.43
C LYS A 44 -11.52 20.91 -12.09
N ALA A 45 -11.00 20.10 -11.17
CA ALA A 45 -11.59 19.94 -9.86
C ALA A 45 -10.49 20.09 -8.81
N PHE A 46 -10.39 21.30 -8.27
CA PHE A 46 -9.31 21.63 -7.34
C PHE A 46 -9.84 21.76 -5.92
N ALA A 47 -8.97 21.46 -4.95
CA ALA A 47 -9.35 21.52 -3.54
C ALA A 47 -9.16 22.92 -2.93
N ASN A 48 -8.41 23.77 -3.62
CA ASN A 48 -8.03 25.08 -3.09
C ASN A 48 -8.39 26.20 -4.04
N PRO A 49 -8.93 27.32 -3.50
CA PRO A 49 -9.27 28.46 -4.35
C PRO A 49 -8.07 29.00 -5.13
N GLU A 50 -6.89 29.02 -4.52
CA GLU A 50 -5.70 29.51 -5.20
C GLU A 50 -5.34 28.66 -6.44
N ASP A 51 -5.59 27.36 -6.35
CA ASP A 51 -5.36 26.45 -7.48
C ASP A 51 -6.38 26.73 -8.59
N ALA A 52 -7.65 26.82 -8.19
CA ALA A 52 -8.76 27.05 -9.12
C ALA A 52 -8.58 28.37 -9.89
N LEU A 53 -8.17 29.42 -9.20
CA LEU A 53 -8.00 30.73 -9.83
C LEU A 53 -6.90 30.74 -10.89
N ARG A 54 -5.88 29.92 -10.70
CA ARG A 54 -4.80 29.78 -11.69
C ARG A 54 -5.24 28.98 -12.91
N HIS A 55 -6.25 28.12 -12.72
CA HIS A 55 -6.63 27.15 -13.75
C HIS A 55 -8.04 27.32 -14.30
N GLY A 56 -8.55 28.55 -14.32
CA GLY A 56 -9.81 28.83 -15.00
C GLY A 56 -10.85 29.64 -14.26
N GLY A 57 -10.74 29.72 -12.93
CA GLY A 57 -11.70 30.49 -12.14
C GLY A 57 -12.21 29.78 -10.90
N PRO A 58 -12.91 30.51 -10.02
CA PRO A 58 -13.31 30.02 -8.70
C PRO A 58 -14.31 28.87 -8.73
N GLN A 59 -15.04 28.74 -9.84
CA GLN A 59 -16.01 27.66 -10.01
C GLN A 59 -15.33 26.28 -10.11
N TYR A 60 -14.03 26.29 -10.34
CA TYR A 60 -13.26 25.04 -10.43
C TYR A 60 -12.69 24.58 -9.08
N CYS A 61 -12.98 25.32 -8.01
CA CYS A 61 -12.74 24.82 -6.66
C CYS A 61 -14.00 24.04 -6.32
N ARG A 62 -13.93 22.74 -6.56
CA ARG A 62 -15.11 21.87 -6.50
C ARG A 62 -14.68 20.43 -6.33
N SER A 63 -15.59 19.62 -5.81
CA SER A 63 -15.37 18.18 -5.70
C SER A 63 -15.69 17.49 -7.02
N ASP A 64 -15.11 16.32 -7.23
CA ASP A 64 -15.35 15.51 -8.42
C ASP A 64 -15.32 14.04 -7.99
N PRO A 65 -16.25 13.21 -8.49
CA PRO A 65 -16.29 11.81 -8.05
C PRO A 65 -15.02 11.02 -8.34
N ASP A 66 -14.39 11.30 -9.50
CA ASP A 66 -13.15 10.60 -9.86
C ASP A 66 -11.99 11.01 -8.98
N VAL A 67 -11.90 12.30 -8.65
CA VAL A 67 -10.89 12.80 -7.71
C VAL A 67 -11.11 12.15 -6.34
N GLU A 68 -12.37 12.13 -5.86
CA GLU A 68 -12.67 11.52 -4.56
C GLU A 68 -12.29 10.04 -4.54
N ARG A 69 -12.55 9.34 -5.65
CA ARG A 69 -12.15 7.94 -5.80
C ARG A 69 -10.63 7.74 -5.69
N CYS A 70 -9.88 8.61 -6.37
CA CYS A 70 -8.42 8.58 -6.29
C CYS A 70 -7.95 8.78 -4.84
N LEU A 71 -8.57 9.73 -4.15
CA LEU A 71 -8.24 10.01 -2.76
C LEU A 71 -8.56 8.81 -1.85
N ARG A 72 -9.67 8.12 -2.11
CA ARG A 72 -10.00 6.93 -1.35
C ARG A 72 -8.99 5.81 -1.56
N ALA A 73 -8.55 5.61 -2.79
CA ALA A 73 -7.53 4.59 -3.10
C ALA A 73 -6.24 4.91 -2.37
N HIS A 74 -5.83 6.17 -2.41
CA HIS A 74 -4.60 6.61 -1.76
C HIS A 74 -4.72 6.44 -0.24
N ARG A 75 -5.88 6.80 0.32
CA ARG A 75 -6.09 6.64 1.75
CA ARG A 75 -6.14 6.63 1.76
C ARG A 75 -6.05 5.16 2.15
N ASN A 76 -6.69 4.31 1.37
CA ASN A 76 -6.65 2.88 1.68
C ASN A 76 -5.22 2.34 1.63
N ASP A 77 -4.42 2.82 0.66
CA ASP A 77 -2.99 2.51 0.62
C ASP A 77 -2.29 2.91 1.92
N MET A 78 -2.57 4.11 2.42
CA MET A 78 -1.95 4.57 3.67
C MET A 78 -2.38 3.72 4.88
N GLU A 79 -3.61 3.20 4.83
CA GLU A 79 -4.15 2.36 5.90
C GLU A 79 -3.54 0.96 5.92
N THR A 80 -2.93 0.55 4.81
CA THR A 80 -2.49 -0.85 4.65
C THR A 80 -1.01 -1.00 4.34
N ILE A 81 -0.50 -0.19 3.41
CA ILE A 81 0.89 -0.29 3.01
C ILE A 81 1.83 0.24 4.10
N TYR A 82 1.46 1.32 4.78
CA TYR A 82 2.32 1.84 5.84
C TYR A 82 2.55 0.81 6.97
N PRO A 83 1.46 0.15 7.47
CA PRO A 83 1.71 -0.93 8.44
C PRO A 83 2.60 -2.05 7.90
N PHE A 84 2.42 -2.42 6.64
CA PHE A 84 3.29 -3.43 6.00
C PHE A 84 4.76 -3.03 6.02
N LEU A 85 5.05 -1.75 5.76
CA LEU A 85 6.43 -1.25 5.80
C LEU A 85 7.08 -1.53 7.16
N PHE A 86 6.29 -1.36 8.22
CA PHE A 86 6.75 -1.65 9.56
C PHE A 86 6.84 -3.15 9.83
N LEU A 87 5.74 -3.86 9.63
CA LEU A 87 5.64 -5.28 9.95
C LEU A 87 6.62 -6.12 9.15
N GLY A 88 6.68 -5.88 7.84
CA GLY A 88 7.56 -6.62 6.96
C GLY A 88 9.04 -6.42 7.26
N PHE A 89 9.40 -5.20 7.65
CA PHE A 89 10.78 -4.89 8.03
C PHE A 89 11.19 -5.69 9.26
N VAL A 90 10.37 -5.62 10.31
CA VAL A 90 10.64 -6.35 11.56
C VAL A 90 10.65 -7.86 11.30
N TYR A 91 9.65 -8.33 10.57
CA TYR A 91 9.50 -9.76 10.23
C TYR A 91 10.72 -10.31 9.50
N SER A 92 11.32 -9.50 8.63
CA SER A 92 12.53 -9.90 7.89
C SER A 92 13.67 -10.30 8.83
N PHE A 93 13.68 -9.75 10.03
CA PHE A 93 14.75 -10.01 11.00
C PHE A 93 14.44 -11.10 12.03
N LEU A 94 13.31 -11.78 11.86
CA LEU A 94 12.91 -12.84 12.79
C LEU A 94 13.29 -14.25 12.31
N GLY A 95 14.15 -14.30 11.30
CA GLY A 95 14.58 -15.56 10.71
C GLY A 95 13.48 -16.46 10.18
N PRO A 96 12.54 -15.89 9.40
CA PRO A 96 11.51 -16.77 8.84
C PRO A 96 12.07 -17.61 7.70
N ASN A 97 11.40 -18.70 7.36
CA ASN A 97 11.75 -19.46 6.17
C ASN A 97 11.73 -18.53 4.96
N PRO A 98 12.82 -18.49 4.18
CA PRO A 98 12.97 -17.58 3.04
C PRO A 98 11.80 -17.66 2.05
N PHE A 99 11.42 -18.87 1.66
CA PHE A 99 10.29 -19.07 0.75
C PHE A 99 8.97 -18.57 1.34
N VAL A 100 8.75 -18.89 2.61
CA VAL A 100 7.53 -18.47 3.32
C VAL A 100 7.47 -16.95 3.40
N ALA A 101 8.60 -16.32 3.71
CA ALA A 101 8.69 -14.85 3.73
C ALA A 101 8.38 -14.23 2.36
N TRP A 102 8.99 -14.79 1.30
N TRP A 102 9.00 -14.78 1.31
CA TRP A 102 8.74 -14.31 -0.06
CA TRP A 102 8.70 -14.42 -0.07
C TRP A 102 7.25 -14.39 -0.41
C TRP A 102 7.20 -14.45 -0.34
N MET A 103 6.60 -15.46 0.01
N MET A 103 6.57 -15.57 0.02
CA MET A 103 5.17 -15.64 -0.25
CA MET A 103 5.13 -15.73 -0.18
C MET A 103 4.32 -14.60 0.49
C MET A 103 4.35 -14.60 0.48
N HIS A 104 4.70 -14.26 1.72
CA HIS A 104 4.03 -13.18 2.46
C HIS A 104 4.14 -11.87 1.70
N PHE A 105 5.35 -11.53 1.27
CA PHE A 105 5.60 -10.25 0.58
C PHE A 105 4.94 -10.20 -0.79
N LEU A 106 4.97 -11.32 -1.51
CA LEU A 106 4.40 -11.40 -2.86
CA LEU A 106 4.39 -11.39 -2.85
C LEU A 106 2.87 -11.32 -2.84
N VAL A 107 2.24 -11.99 -1.88
CA VAL A 107 0.79 -11.94 -1.73
C VAL A 107 0.37 -10.50 -1.42
N PHE A 108 1.12 -9.83 -0.55
CA PHE A 108 0.82 -8.43 -0.26
C PHE A 108 0.99 -7.55 -1.50
N LEU A 109 2.12 -7.71 -2.20
CA LEU A 109 2.39 -6.90 -3.39
C LEU A 109 1.32 -7.07 -4.46
N VAL A 110 1.02 -8.33 -4.80
CA VAL A 110 0.02 -8.62 -5.84
C VAL A 110 -1.37 -8.14 -5.41
N GLY A 111 -1.73 -8.44 -4.17
CA GLY A 111 -3.02 -7.99 -3.61
C GLY A 111 -3.20 -6.49 -3.66
N ARG A 112 -2.16 -5.75 -3.28
CA ARG A 112 -2.27 -4.28 -3.27
C ARG A 112 -2.28 -3.65 -4.66
N VAL A 113 -1.46 -4.18 -5.58
CA VAL A 113 -1.50 -3.70 -6.96
C VAL A 113 -2.90 -3.95 -7.54
N ALA A 114 -3.42 -5.16 -7.32
CA ALA A 114 -4.77 -5.53 -7.76
C ALA A 114 -5.85 -4.62 -7.14
N HIS A 115 -5.68 -4.29 -5.86
CA HIS A 115 -6.58 -3.37 -5.18
C HIS A 115 -6.68 -2.01 -5.89
N THR A 116 -5.54 -1.42 -6.21
CA THR A 116 -5.51 -0.13 -6.90
C THR A 116 -6.13 -0.22 -8.30
N VAL A 117 -5.82 -1.29 -9.03
CA VAL A 117 -6.43 -1.52 -10.33
C VAL A 117 -7.95 -1.65 -10.22
N ALA A 118 -8.41 -2.43 -9.24
CA ALA A 118 -9.84 -2.63 -9.00
C ALA A 118 -10.53 -1.33 -8.57
N TYR A 119 -9.84 -0.51 -7.76
CA TYR A 119 -10.43 0.73 -7.27
C TYR A 119 -10.54 1.79 -8.37
N LEU A 120 -9.41 2.09 -9.00
CA LEU A 120 -9.36 3.14 -10.00
C LEU A 120 -10.04 2.73 -11.30
N GLY A 121 -10.05 1.42 -11.57
CA GLY A 121 -10.69 0.87 -12.76
C GLY A 121 -12.18 0.61 -12.59
N LYS A 122 -12.70 0.88 -11.39
CA LYS A 122 -14.13 0.74 -11.07
C LYS A 122 -14.66 -0.67 -11.37
N LEU A 123 -13.87 -1.68 -10.99
CA LEU A 123 -14.26 -3.06 -11.20
C LEU A 123 -15.42 -3.46 -10.30
N ARG A 124 -16.24 -4.40 -10.75
CA ARG A 124 -17.44 -4.79 -10.01
C ARG A 124 -17.11 -5.37 -8.62
N ALA A 125 -17.99 -5.11 -7.67
CA ALA A 125 -17.88 -5.70 -6.34
C ALA A 125 -18.11 -7.21 -6.44
N PRO A 126 -17.43 -7.99 -5.58
CA PRO A 126 -16.55 -7.56 -4.50
C PRO A 126 -15.06 -7.69 -4.84
N ILE A 127 -14.68 -7.43 -6.10
CA ILE A 127 -13.29 -7.63 -6.52
C ILE A 127 -12.32 -6.84 -5.63
N ARG A 128 -12.57 -5.53 -5.48
CA ARG A 128 -11.71 -4.70 -4.63
C ARG A 128 -11.68 -5.20 -3.19
N SER A 129 -12.85 -5.51 -2.63
CA SER A 129 -12.94 -5.99 -1.25
C SER A 129 -12.13 -7.26 -1.04
N VAL A 130 -12.23 -8.19 -2.00
CA VAL A 130 -11.46 -9.42 -1.96
C VAL A 130 -9.94 -9.17 -1.97
N THR A 131 -9.48 -8.26 -2.82
CA THR A 131 -8.04 -7.96 -2.89
C THR A 131 -7.54 -7.35 -1.58
N TYR A 132 -8.38 -6.53 -0.95
CA TYR A 132 -8.04 -5.95 0.36
C TYR A 132 -7.82 -7.06 1.38
N THR A 133 -8.78 -7.98 1.44
CA THR A 133 -8.74 -9.05 2.44
C THR A 133 -7.56 -10.00 2.19
N LEU A 134 -7.32 -10.36 0.93
N LEU A 134 -7.34 -10.36 0.93
CA LEU A 134 -6.20 -11.20 0.56
CA LEU A 134 -6.20 -11.18 0.51
C LEU A 134 -4.86 -10.59 0.97
C LEU A 134 -4.88 -10.57 1.00
N ALA A 135 -4.69 -9.29 0.73
CA ALA A 135 -3.45 -8.59 1.12
C ALA A 135 -3.30 -8.47 2.65
N GLN A 136 -4.41 -8.34 3.36
CA GLN A 136 -4.35 -8.25 4.83
C GLN A 136 -3.90 -9.55 5.49
N LEU A 137 -4.13 -10.68 4.83
CA LEU A 137 -3.75 -11.99 5.40
C LEU A 137 -2.27 -12.11 5.79
N PRO A 138 -1.33 -11.83 4.85
CA PRO A 138 0.08 -11.87 5.27
C PRO A 138 0.45 -10.85 6.33
N CYS A 139 -0.23 -9.69 6.34
CA CYS A 139 0.00 -8.68 7.38
C CYS A 139 -0.40 -9.19 8.76
N ALA A 140 -1.59 -9.79 8.85
CA ALA A 140 -2.06 -10.39 10.09
C ALA A 140 -1.10 -11.49 10.55
N SER A 141 -0.66 -12.32 9.61
CA SER A 141 0.31 -13.38 9.89
C SER A 141 1.60 -12.83 10.47
N MET A 142 2.17 -11.81 9.83
CA MET A 142 3.41 -11.22 10.30
C MET A 142 3.24 -10.57 11.67
N ALA A 143 2.11 -9.87 11.85
CA ALA A 143 1.82 -9.20 13.12
C ALA A 143 1.82 -10.19 14.28
N LEU A 144 1.14 -11.32 14.12
CA LEU A 144 1.10 -12.36 15.15
C LEU A 144 2.50 -12.93 15.45
N GLN A 145 3.27 -13.19 14.39
CA GLN A 145 4.62 -13.72 14.57
C GLN A 145 5.51 -12.75 15.34
N ILE A 146 5.41 -11.45 15.03
CA ILE A 146 6.13 -10.42 15.77
C ILE A 146 5.70 -10.36 17.24
N LEU A 147 4.39 -10.47 17.48
CA LEU A 147 3.86 -10.47 18.85
CA LEU A 147 3.86 -10.47 18.84
C LEU A 147 4.51 -11.58 19.67
N TRP A 148 4.56 -12.79 19.12
CA TRP A 148 5.11 -13.94 19.84
C TRP A 148 6.59 -13.73 20.14
N GLU A 149 7.33 -13.26 19.14
CA GLU A 149 8.77 -13.02 19.28
CA GLU A 149 8.77 -13.04 19.29
C GLU A 149 9.05 -11.93 20.31
N ALA A 150 8.28 -10.85 20.23
CA ALA A 150 8.44 -9.75 21.20
C ALA A 150 8.09 -10.19 22.62
N ALA A 151 6.94 -10.85 22.77
CA ALA A 151 6.48 -11.30 24.09
C ALA A 151 7.47 -12.24 24.75
N ARG A 152 8.07 -13.13 23.96
CA ARG A 152 8.95 -14.15 24.53
C ARG A 152 10.33 -13.58 24.94
N HIS A 153 10.61 -12.35 24.50
CA HIS A 153 11.87 -11.68 24.85
CA HIS A 153 11.86 -11.67 24.84
C HIS A 153 11.68 -10.64 25.97
N LEU A 154 10.47 -10.57 26.52
CA LEU A 154 10.20 -9.65 27.62
C LEU A 154 10.75 -10.17 28.94
#